data_7ARN
#
_entry.id   7ARN
#
_cell.length_a   95.550
_cell.length_b   60.580
_cell.length_c   82.450
_cell.angle_alpha   90.00
_cell.angle_beta   111.91
_cell.angle_gamma   90.00
#
_symmetry.space_group_name_H-M   'C 1 2 1'
#
loop_
_entity.id
_entity.type
_entity.pdbx_description
1 polymer 'Antibody Fab Fragment Heavy Chain'
2 polymer 'Antibody Fab Fragment Light Chain'
3 branched beta-D-mannopyranose-(1-4)-2-acetamido-2-deoxy-beta-D-glucopyranose-(1-4)-2-acetamido-2-deoxy-beta-D-glucopyranose
4 branched alpha-D-mannopyranose-(1-6)-alpha-D-mannopyranose-(1-6)-beta-D-mannopyranose-(1-4)-2-acetamido-2-deoxy-beta-D-glucopyranose-(1-4)-2-acetamido-2-deoxy-beta-D-glucopyranose
5 non-polymer GLYCEROL
6 water water
#
loop_
_entity_poly.entity_id
_entity_poly.type
_entity_poly.pdbx_seq_one_letter_code
_entity_poly.pdbx_strand_id
1 'polypeptide(L)'
;MGILPSPGMPALLSLVSLLSVLLMGCVAETGEVQLVESGGGLVQPGGSLRLSCAASGFTFSSYSMTWVRQAPGKGLEWVS
NISSSSNTAFYADSVKGRFTISRDNVKNSLYLQMHSLRDEDTAVYFCARDRNGYNFFDYWGQGTLVTVSSGTASTKGPSV
FPLAPSSKSTSGGTAALGCLVKDYFPEPVTVSWNSGALTSGVHTFPAVLQSSGLYSLSSVVTVPSSSLGTQTYICNVNHK
PSNTKVDKKVEPKSCKHHHHHH
;
H
2 'polypeptide(L)'
;MGILPSPGMPALLSLVSLLSVLLMGCVAETGDIEMTQSPSSLSASIGDRLTITCRASQAIRESVQWYQQKPGKAPKLLMF
STSILESGVPSRFSGSGFGTHFTLTISSLQPEDFATYSCQQNYSGPFTFGPGTKVEMRAAATVAAPSVFIFPPSDEQLKS
GTASVVCLLNNFYPREAKVQWKVDNALQSGNSQESVTEQDSKDSTYSLSSTLTLSKADYEKHKVYACEVTHQGLSSPVTK
SFNRGEC
;
L
#
loop_
_chem_comp.id
_chem_comp.type
_chem_comp.name
_chem_comp.formula
BMA D-saccharide, beta linking beta-D-mannopyranose 'C6 H12 O6'
GOL non-polymer GLYCEROL 'C3 H8 O3'
MAN D-saccharide, alpha linking alpha-D-mannopyranose 'C6 H12 O6'
NAG D-saccharide, beta linking 2-acetamido-2-deoxy-beta-D-glucopyranose 'C8 H15 N O6'
#
# COMPACT_ATOMS: atom_id res chain seq x y z
N GLY A 31 -20.36 -3.97 -18.22
CA GLY A 31 -19.11 -3.89 -17.49
C GLY A 31 -18.79 -2.54 -16.89
N GLU A 32 -18.25 -2.55 -15.67
CA GLU A 32 -17.81 -1.34 -14.99
C GLU A 32 -16.46 -0.88 -15.54
N VAL A 33 -16.20 0.42 -15.43
CA VAL A 33 -14.94 0.98 -15.91
C VAL A 33 -13.80 0.47 -15.06
N GLN A 34 -12.81 -0.15 -15.69
CA GLN A 34 -11.64 -0.67 -14.99
C GLN A 34 -10.39 -0.39 -15.81
N LEU A 35 -9.32 -0.05 -15.11
CA LEU A 35 -7.99 0.11 -15.69
C LEU A 35 -7.03 -0.72 -14.84
N VAL A 36 -6.28 -1.61 -15.48
CA VAL A 36 -5.37 -2.51 -14.75
C VAL A 36 -4.00 -2.43 -15.40
N GLU A 37 -3.07 -1.77 -14.73
CA GLU A 37 -1.69 -1.72 -15.20
C GLU A 37 -0.96 -3.00 -14.86
N SER A 38 0.03 -3.33 -15.70
CA SER A 38 0.91 -4.45 -15.42
CA SER A 38 0.89 -4.47 -15.46
C SER A 38 2.26 -4.18 -16.05
N GLY A 39 3.24 -4.97 -15.64
CA GLY A 39 4.57 -4.93 -16.20
C GLY A 39 5.67 -4.44 -15.29
N GLY A 40 5.33 -3.80 -14.18
CA GLY A 40 6.35 -3.25 -13.31
C GLY A 40 7.16 -4.33 -12.61
N GLY A 41 8.45 -4.03 -12.45
CA GLY A 41 9.33 -4.92 -11.75
C GLY A 41 10.71 -4.32 -11.71
N LEU A 42 11.69 -5.19 -11.50
CA LEU A 42 13.08 -4.79 -11.35
C LEU A 42 13.73 -4.61 -12.72
N VAL A 43 14.48 -3.52 -12.88
CA VAL A 43 15.22 -3.22 -14.09
CA VAL A 43 15.21 -3.20 -14.10
C VAL A 43 16.54 -2.58 -13.69
N GLN A 44 17.58 -2.89 -14.42
CA GLN A 44 18.87 -2.27 -14.15
C GLN A 44 18.94 -0.91 -14.85
N PRO A 45 19.67 0.04 -14.27
CA PRO A 45 19.86 1.31 -14.94
C PRO A 45 20.35 1.09 -16.37
N GLY A 46 19.78 1.83 -17.30
CA GLY A 46 20.05 1.67 -18.71
C GLY A 46 19.20 0.62 -19.39
N GLY A 47 18.43 -0.15 -18.63
CA GLY A 47 17.60 -1.19 -19.18
C GLY A 47 16.28 -0.67 -19.74
N SER A 48 15.46 -1.61 -20.17
CA SER A 48 14.18 -1.33 -20.80
C SER A 48 13.07 -2.10 -20.11
N LEU A 49 11.88 -1.52 -20.14
CA LEU A 49 10.69 -2.15 -19.57
C LEU A 49 9.46 -1.65 -20.29
N ARG A 50 8.52 -2.55 -20.55
CA ARG A 50 7.26 -2.17 -21.18
C ARG A 50 6.11 -2.37 -20.20
N LEU A 51 5.34 -1.31 -19.99
CA LEU A 51 4.13 -1.39 -19.19
C LEU A 51 2.91 -1.48 -20.07
N SER A 52 1.89 -2.14 -19.55
CA SER A 52 0.61 -2.29 -20.22
CA SER A 52 0.61 -2.26 -20.23
C SER A 52 -0.50 -1.86 -19.29
N CYS A 53 -1.62 -1.44 -19.87
CA CYS A 53 -2.80 -1.05 -19.13
C CYS A 53 -4.00 -1.58 -19.87
N ALA A 54 -4.76 -2.47 -19.23
CA ALA A 54 -5.92 -3.09 -19.84
C ALA A 54 -7.17 -2.29 -19.46
N ALA A 55 -7.87 -1.75 -20.45
CA ALA A 55 -9.06 -0.95 -20.21
C ALA A 55 -10.32 -1.75 -20.54
N SER A 56 -11.35 -1.55 -19.73
CA SER A 56 -12.63 -2.21 -19.94
C SER A 56 -13.73 -1.36 -19.33
N GLY A 57 -14.98 -1.68 -19.69
CA GLY A 57 -16.13 -0.98 -19.15
C GLY A 57 -16.46 0.34 -19.79
N PHE A 58 -15.77 0.71 -20.86
CA PHE A 58 -16.04 1.94 -21.59
C PHE A 58 -15.42 1.80 -22.98
N THR A 59 -15.90 2.60 -23.92
CA THR A 59 -15.38 2.49 -25.28
C THR A 59 -14.03 3.21 -25.31
N PHE A 60 -12.98 2.40 -25.17
CA PHE A 60 -11.62 2.91 -24.99
C PHE A 60 -11.23 3.90 -26.06
N SER A 61 -11.58 3.61 -27.32
CA SER A 61 -11.12 4.40 -28.46
C SER A 61 -11.66 5.83 -28.47
N SER A 62 -12.61 6.17 -27.59
CA SER A 62 -13.16 7.51 -27.57
C SER A 62 -12.42 8.47 -26.65
N TYR A 63 -11.48 7.98 -25.84
CA TYR A 63 -10.85 8.80 -24.81
C TYR A 63 -9.35 8.93 -25.04
N SER A 64 -8.84 10.13 -24.80
CA SER A 64 -7.42 10.32 -24.60
C SER A 64 -7.00 9.63 -23.30
N MET A 65 -5.75 9.20 -23.24
CA MET A 65 -5.23 8.45 -22.10
C MET A 65 -3.90 9.04 -21.68
N THR A 66 -3.59 8.89 -20.39
CA THR A 66 -2.38 9.45 -19.81
C THR A 66 -1.66 8.40 -18.97
N TRP A 67 -0.34 8.54 -18.87
CA TRP A 67 0.45 7.91 -17.81
C TRP A 67 0.90 8.96 -16.83
N VAL A 68 0.67 8.71 -15.55
CA VAL A 68 1.11 9.55 -14.45
C VAL A 68 1.88 8.64 -13.49
N ARG A 69 2.94 9.18 -12.87
CA ARG A 69 3.75 8.37 -11.97
C ARG A 69 3.92 9.07 -10.64
N GLN A 70 4.25 8.29 -9.62
CA GLN A 70 4.61 8.85 -8.31
C GLN A 70 5.88 8.15 -7.83
N ALA A 71 7.03 8.91 -7.84
CA ALA A 71 8.36 8.53 -7.39
C ALA A 71 8.49 8.72 -5.88
N PRO A 72 9.34 7.91 -5.23
CA PRO A 72 9.60 8.10 -3.80
C PRO A 72 10.04 9.53 -3.50
N GLY A 73 9.40 10.13 -2.50
CA GLY A 73 9.72 11.48 -2.09
C GLY A 73 9.21 12.58 -2.98
N LYS A 74 8.35 12.26 -3.96
CA LYS A 74 7.81 13.25 -4.88
C LYS A 74 6.29 13.10 -4.94
N GLY A 75 5.64 14.12 -5.46
CA GLY A 75 4.22 14.05 -5.73
C GLY A 75 3.96 13.42 -7.09
N LEU A 76 2.69 13.37 -7.45
CA LEU A 76 2.31 12.84 -8.76
C LEU A 76 2.93 13.68 -9.86
N GLU A 77 3.31 12.99 -10.95
CA GLU A 77 3.97 13.62 -12.08
C GLU A 77 3.38 13.09 -13.37
N TRP A 78 2.85 14.00 -14.18
CA TRP A 78 2.43 13.68 -15.55
C TRP A 78 3.62 13.20 -16.36
N VAL A 79 3.45 12.09 -17.09
CA VAL A 79 4.52 11.47 -17.85
C VAL A 79 4.30 11.62 -19.35
N SER A 80 3.10 11.27 -19.82
CA SER A 80 2.85 11.24 -21.26
C SER A 80 1.35 11.17 -21.48
N ASN A 81 0.92 11.60 -22.67
CA ASN A 81 -0.47 11.42 -23.08
C ASN A 81 -0.53 11.00 -24.54
N ILE A 82 -1.71 10.55 -24.95
CA ILE A 82 -1.95 10.10 -26.31
C ILE A 82 -3.38 10.44 -26.68
N SER A 83 -3.58 10.90 -27.91
CA SER A 83 -4.93 11.23 -28.36
C SER A 83 -5.74 9.95 -28.57
N SER A 84 -7.07 10.12 -28.65
CA SER A 84 -7.96 8.98 -28.79
C SER A 84 -7.64 8.16 -30.03
N SER A 85 -7.31 8.82 -31.13
CA SER A 85 -6.97 8.16 -32.38
C SER A 85 -5.51 7.76 -32.47
N SER A 86 -4.71 8.08 -31.46
CA SER A 86 -3.26 7.90 -31.41
C SER A 86 -2.53 8.80 -32.40
N ASN A 87 -3.20 9.81 -32.96
CA ASN A 87 -2.54 10.66 -33.96
C ASN A 87 -1.57 11.65 -33.33
N THR A 88 -1.65 11.89 -32.02
CA THR A 88 -0.69 12.75 -31.35
C THR A 88 -0.28 12.11 -30.03
N ALA A 89 0.95 12.41 -29.61
CA ALA A 89 1.50 11.92 -28.35
C ALA A 89 2.49 12.93 -27.82
N PHE A 90 2.42 13.21 -26.52
CA PHE A 90 3.31 14.20 -25.89
C PHE A 90 3.98 13.59 -24.65
N TYR A 91 5.11 14.20 -24.26
CA TYR A 91 5.98 13.64 -23.23
C TYR A 91 6.50 14.72 -22.30
N ALA A 92 6.63 14.38 -21.02
CA ALA A 92 7.39 15.20 -20.09
C ALA A 92 8.84 15.31 -20.53
N ASP A 93 9.45 16.47 -20.29
CA ASP A 93 10.83 16.70 -20.71
C ASP A 93 11.77 15.63 -20.18
N SER A 94 11.55 15.16 -18.95
CA SER A 94 12.47 14.22 -18.32
C SER A 94 12.48 12.85 -18.98
N VAL A 95 11.43 12.49 -19.73
CA VAL A 95 11.33 11.18 -20.33
C VAL A 95 11.37 11.22 -21.85
N LYS A 96 11.28 12.40 -22.46
CA LYS A 96 11.25 12.52 -23.91
C LYS A 96 12.49 11.90 -24.53
N GLY A 97 12.28 11.11 -25.59
CA GLY A 97 13.36 10.40 -26.22
C GLY A 97 13.73 9.09 -25.57
N ARG A 98 13.17 8.77 -24.40
CA ARG A 98 13.37 7.50 -23.73
C ARG A 98 12.09 6.67 -23.63
N PHE A 99 10.94 7.32 -23.51
CA PHE A 99 9.65 6.67 -23.34
C PHE A 99 8.80 6.86 -24.59
N THR A 100 7.99 5.84 -24.88
CA THR A 100 7.06 5.89 -26.00
C THR A 100 5.70 5.39 -25.53
N ILE A 101 4.68 6.21 -25.69
CA ILE A 101 3.31 5.82 -25.39
C ILE A 101 2.66 5.32 -26.68
N SER A 102 1.79 4.33 -26.55
CA SER A 102 1.03 3.84 -27.70
C SER A 102 -0.25 3.18 -27.17
N ARG A 103 -1.14 2.84 -28.11
CA ARG A 103 -2.41 2.25 -27.73
C ARG A 103 -2.87 1.28 -28.81
N ASP A 104 -3.74 0.38 -28.41
CA ASP A 104 -4.38 -0.60 -29.28
C ASP A 104 -5.89 -0.43 -29.08
N ASN A 105 -6.53 0.34 -29.97
CA ASN A 105 -7.94 0.64 -29.81
C ASN A 105 -8.85 -0.55 -30.09
N VAL A 106 -8.31 -1.66 -30.58
CA VAL A 106 -9.11 -2.87 -30.78
C VAL A 106 -9.07 -3.76 -29.54
N LYS A 107 -7.87 -4.03 -29.01
CA LYS A 107 -7.75 -4.83 -27.81
C LYS A 107 -7.94 -4.01 -26.53
N ASN A 108 -8.14 -2.69 -26.64
CA ASN A 108 -8.38 -1.82 -25.48
C ASN A 108 -7.22 -1.87 -24.49
N SER A 109 -6.03 -1.54 -25.00
CA SER A 109 -4.82 -1.50 -24.18
C SER A 109 -4.06 -0.21 -24.42
N LEU A 110 -3.43 0.29 -23.36
CA LEU A 110 -2.49 1.40 -23.40
C LEU A 110 -1.13 0.89 -22.99
N TYR A 111 -0.08 1.39 -23.64
CA TYR A 111 1.27 0.92 -23.41
C TYR A 111 2.21 2.06 -23.08
N LEU A 112 3.27 1.74 -22.35
CA LEU A 112 4.37 2.66 -22.16
C LEU A 112 5.65 1.85 -22.31
N GLN A 113 6.41 2.13 -23.37
CA GLN A 113 7.72 1.53 -23.57
C GLN A 113 8.77 2.46 -22.99
N MET A 114 9.57 1.94 -22.05
CA MET A 114 10.63 2.71 -21.41
C MET A 114 11.98 2.14 -21.81
N HIS A 115 12.90 3.02 -22.21
CA HIS A 115 14.28 2.67 -22.50
C HIS A 115 15.20 3.57 -21.69
N SER A 116 16.47 3.18 -21.62
CA SER A 116 17.52 3.92 -20.92
C SER A 116 17.04 4.35 -19.53
N LEU A 117 16.54 3.39 -18.76
CA LEU A 117 15.93 3.72 -17.49
C LEU A 117 16.97 4.23 -16.49
N ARG A 118 16.52 5.14 -15.62
CA ARG A 118 17.38 5.84 -14.69
C ARG A 118 16.83 5.67 -13.28
N ASP A 119 17.70 5.92 -12.30
CA ASP A 119 17.33 5.86 -10.90
C ASP A 119 15.99 6.55 -10.63
N GLU A 120 15.84 7.78 -11.12
CA GLU A 120 14.67 8.63 -10.86
C GLU A 120 13.42 8.18 -11.59
N ASP A 121 13.48 7.12 -12.42
CA ASP A 121 12.28 6.54 -13.00
C ASP A 121 11.60 5.53 -12.08
N THR A 122 12.25 5.13 -10.98
CA THR A 122 11.58 4.30 -9.98
C THR A 122 10.34 4.99 -9.46
N ALA A 123 9.18 4.35 -9.63
CA ALA A 123 7.91 4.98 -9.30
C ALA A 123 6.77 3.98 -9.51
N VAL A 124 5.64 4.28 -8.90
CA VAL A 124 4.37 3.66 -9.29
C VAL A 124 3.87 4.38 -10.53
N TYR A 125 3.51 3.61 -11.56
CA TYR A 125 3.03 4.16 -12.82
C TYR A 125 1.54 3.87 -12.94
N PHE A 126 0.76 4.92 -13.17
CA PHE A 126 -0.69 4.84 -13.30
C PHE A 126 -1.14 5.13 -14.73
N CYS A 127 -2.09 4.31 -15.18
CA CYS A 127 -2.89 4.55 -16.37
C CYS A 127 -4.11 5.38 -15.97
N ALA A 128 -4.41 6.44 -16.71
CA ALA A 128 -5.54 7.27 -16.34
C ALA A 128 -6.28 7.80 -17.57
N ARG A 129 -7.60 7.90 -17.45
CA ARG A 129 -8.47 8.32 -18.55
C ARG A 129 -8.75 9.82 -18.45
N ASP A 130 -8.57 10.52 -19.57
CA ASP A 130 -8.88 11.95 -19.63
C ASP A 130 -10.39 12.12 -19.76
N ARG A 131 -10.98 12.83 -18.80
CA ARG A 131 -12.43 12.90 -18.69
C ARG A 131 -13.07 13.44 -19.97
N ASN A 132 -12.64 14.63 -20.40
CA ASN A 132 -13.25 15.30 -21.55
C ASN A 132 -12.21 15.86 -22.50
N GLY A 133 -10.96 15.43 -22.38
CA GLY A 133 -9.87 16.04 -23.13
C GLY A 133 -9.28 17.27 -22.51
N TYR A 134 -9.59 17.55 -21.24
CA TYR A 134 -9.14 18.76 -20.56
C TYR A 134 -7.90 18.56 -19.70
N ASN A 135 -7.22 17.42 -19.84
CA ASN A 135 -5.97 17.13 -19.13
C ASN A 135 -6.15 17.01 -17.62
N PHE A 136 -7.29 16.48 -17.20
CA PHE A 136 -7.45 15.93 -15.86
C PHE A 136 -8.25 14.64 -16.00
N PHE A 137 -8.15 13.78 -14.99
CA PHE A 137 -8.34 12.35 -15.19
C PHE A 137 -9.32 11.79 -14.18
N ASP A 138 -10.39 11.16 -14.68
CA ASP A 138 -11.48 10.73 -13.81
C ASP A 138 -11.44 9.26 -13.42
N TYR A 139 -10.69 8.43 -14.16
CA TYR A 139 -10.51 7.02 -13.81
C TYR A 139 -9.04 6.68 -13.86
N TRP A 140 -8.54 6.06 -12.79
CA TRP A 140 -7.16 5.62 -12.67
C TRP A 140 -7.12 4.14 -12.33
N GLY A 141 -6.02 3.48 -12.70
CA GLY A 141 -5.73 2.16 -12.17
C GLY A 141 -5.08 2.28 -10.81
N GLN A 142 -4.84 1.11 -10.19
CA GLN A 142 -4.13 1.09 -8.92
C GLN A 142 -2.61 1.23 -9.10
N GLY A 143 -2.11 1.11 -10.32
CA GLY A 143 -0.71 1.36 -10.63
C GLY A 143 0.14 0.10 -10.65
N THR A 144 1.29 0.21 -11.30
CA THR A 144 2.29 -0.86 -11.30
C THR A 144 3.62 -0.22 -10.94
N LEU A 145 4.39 -0.91 -10.09
CA LEU A 145 5.60 -0.34 -9.51
C LEU A 145 6.83 -0.75 -10.32
N VAL A 146 7.58 0.25 -10.79
CA VAL A 146 8.84 0.03 -11.50
C VAL A 146 9.98 0.33 -10.52
N THR A 147 10.89 -0.62 -10.37
CA THR A 147 12.03 -0.47 -9.46
C THR A 147 13.30 -0.53 -10.28
N VAL A 148 13.99 0.61 -10.41
CA VAL A 148 15.29 0.65 -11.09
C VAL A 148 16.36 0.45 -10.02
N SER A 149 17.18 -0.58 -10.17
CA SER A 149 18.17 -0.87 -9.14
C SER A 149 19.47 -1.31 -9.76
N SER A 150 20.56 -0.68 -9.34
CA SER A 150 21.91 -1.19 -9.59
C SER A 150 22.45 -1.99 -8.41
N GLY A 151 21.71 -2.04 -7.29
CA GLY A 151 22.08 -2.81 -6.12
C GLY A 151 22.23 -4.29 -6.39
N THR A 152 22.52 -5.08 -5.35
CA THR A 152 22.87 -6.48 -5.59
C THR A 152 21.67 -7.42 -5.59
N ALA A 153 20.56 -7.04 -4.97
CA ALA A 153 19.41 -7.94 -4.88
C ALA A 153 18.79 -8.15 -6.26
N SER A 154 18.45 -9.40 -6.57
CA SER A 154 17.81 -9.75 -7.82
CA SER A 154 17.81 -9.72 -7.82
C SER A 154 16.38 -10.19 -7.57
N THR A 155 15.60 -10.25 -8.64
CA THR A 155 14.20 -10.66 -8.56
C THR A 155 14.07 -12.02 -7.88
N LYS A 156 13.22 -12.11 -6.85
CA LYS A 156 13.01 -13.35 -6.14
C LYS A 156 11.57 -13.38 -5.67
N GLY A 157 10.85 -14.44 -5.98
CA GLY A 157 9.52 -14.59 -5.42
C GLY A 157 9.54 -15.11 -3.99
N PRO A 158 8.48 -14.81 -3.26
CA PRO A 158 8.43 -15.18 -1.84
C PRO A 158 8.15 -16.65 -1.60
N SER A 159 8.56 -17.10 -0.42
CA SER A 159 8.01 -18.31 0.18
C SER A 159 6.82 -17.90 1.02
N VAL A 160 5.76 -18.70 1.03
CA VAL A 160 4.55 -18.37 1.77
C VAL A 160 4.36 -19.46 2.82
N PHE A 161 4.36 -19.07 4.10
CA PHE A 161 4.19 -20.04 5.17
C PHE A 161 2.92 -19.73 5.96
N PRO A 162 2.23 -20.75 6.44
CA PRO A 162 1.01 -20.49 7.22
C PRO A 162 1.36 -20.01 8.61
N LEU A 163 0.50 -19.16 9.17
CA LEU A 163 0.47 -18.82 10.58
C LEU A 163 -0.80 -19.46 11.12
N ALA A 164 -0.67 -20.71 11.58
CA ALA A 164 -1.84 -21.52 11.87
C ALA A 164 -2.53 -21.05 13.14
N PRO A 165 -3.85 -21.01 13.17
CA PRO A 165 -4.54 -20.71 14.43
C PRO A 165 -4.31 -21.85 15.41
N SER A 166 -4.18 -21.49 16.69
CA SER A 166 -3.91 -22.43 17.76
C SER A 166 -4.49 -21.89 19.06
N SER A 167 -4.29 -22.68 20.13
CA SER A 167 -4.61 -22.18 21.47
C SER A 167 -3.80 -20.95 21.82
N LYS A 168 -2.62 -20.77 21.21
CA LYS A 168 -1.80 -19.59 21.48
C LYS A 168 -2.18 -18.37 20.64
N SER A 169 -3.16 -18.49 19.73
CA SER A 169 -3.58 -17.33 18.95
C SER A 169 -5.07 -17.05 19.09
N THR A 170 -5.69 -17.55 20.16
CA THR A 170 -7.11 -17.35 20.38
C THR A 170 -7.36 -16.69 21.72
N SER A 171 -8.40 -15.86 21.76
CA SER A 171 -8.84 -15.23 22.99
C SER A 171 -10.24 -14.68 22.78
N GLY A 172 -11.05 -14.78 23.83
CA GLY A 172 -12.37 -14.15 23.81
C GLY A 172 -13.28 -14.63 22.72
N GLY A 173 -13.12 -15.88 22.28
CA GLY A 173 -13.95 -16.46 21.24
C GLY A 173 -13.47 -16.19 19.83
N THR A 174 -12.34 -15.51 19.65
CA THR A 174 -11.82 -15.29 18.31
C THR A 174 -10.42 -15.86 18.16
N ALA A 175 -10.08 -16.19 16.93
CA ALA A 175 -8.83 -16.86 16.58
C ALA A 175 -8.14 -16.01 15.53
N ALA A 176 -6.84 -15.81 15.69
CA ALA A 176 -6.02 -15.15 14.69
C ALA A 176 -5.26 -16.20 13.88
N LEU A 177 -5.18 -15.98 12.58
CA LEU A 177 -4.40 -16.83 11.70
C LEU A 177 -3.82 -15.96 10.59
N GLY A 178 -2.90 -16.50 9.80
CA GLY A 178 -2.36 -15.63 8.77
C GLY A 178 -1.37 -16.35 7.87
N CYS A 179 -0.63 -15.53 7.13
CA CYS A 179 0.40 -16.01 6.21
C CYS A 179 1.63 -15.13 6.36
N LEU A 180 2.80 -15.78 6.37
CA LEU A 180 4.08 -15.12 6.41
C LEU A 180 4.65 -15.19 5.01
N VAL A 181 4.94 -14.04 4.43
CA VAL A 181 5.37 -13.93 3.04
C VAL A 181 6.83 -13.49 3.08
N LYS A 182 7.77 -14.42 2.93
CA LYS A 182 9.16 -14.19 3.30
CA LYS A 182 9.16 -14.19 3.29
C LYS A 182 10.07 -14.18 2.07
N ASP A 183 11.03 -13.25 2.08
CA ASP A 183 12.19 -13.22 1.18
C ASP A 183 11.78 -13.03 -0.28
N TYR A 184 11.27 -11.83 -0.57
CA TYR A 184 10.95 -11.47 -1.95
C TYR A 184 11.60 -10.14 -2.32
N PHE A 185 11.74 -9.91 -3.62
CA PHE A 185 12.33 -8.70 -4.16
C PHE A 185 11.99 -8.57 -5.64
N PRO A 186 11.72 -7.35 -6.16
CA PRO A 186 11.51 -6.09 -5.45
C PRO A 186 10.10 -6.06 -4.85
N GLU A 187 9.65 -4.91 -4.38
CA GLU A 187 8.24 -4.79 -4.06
C GLU A 187 7.43 -4.74 -5.36
N PRO A 188 6.10 -4.98 -5.28
CA PRO A 188 5.31 -5.28 -4.09
C PRO A 188 4.69 -6.67 -4.07
N VAL A 189 4.29 -7.09 -2.87
CA VAL A 189 3.41 -8.23 -2.65
C VAL A 189 2.04 -7.68 -2.30
N THR A 190 1.00 -8.26 -2.86
CA THR A 190 -0.36 -8.05 -2.37
C THR A 190 -0.90 -9.35 -1.79
N VAL A 191 -1.83 -9.22 -0.83
CA VAL A 191 -2.45 -10.38 -0.19
C VAL A 191 -3.94 -10.13 -0.16
N SER A 192 -4.72 -11.11 -0.60
CA SER A 192 -6.13 -11.11 -0.27
C SER A 192 -6.44 -12.38 0.49
N TRP A 193 -7.66 -12.47 1.04
CA TRP A 193 -8.12 -13.65 1.72
C TRP A 193 -9.38 -14.15 1.05
N ASN A 194 -9.42 -15.45 0.76
CA ASN A 194 -10.57 -16.10 0.13
C ASN A 194 -11.01 -15.32 -1.12
N SER A 195 -10.02 -15.02 -1.96
CA SER A 195 -10.20 -14.31 -3.22
C SER A 195 -10.92 -12.97 -3.02
N GLY A 196 -10.69 -12.33 -1.89
CA GLY A 196 -11.27 -11.03 -1.65
C GLY A 196 -12.61 -11.07 -0.95
N ALA A 197 -13.15 -12.25 -0.68
CA ALA A 197 -14.43 -12.33 0.01
C ALA A 197 -14.29 -12.18 1.50
N LEU A 198 -13.07 -12.25 2.03
CA LEU A 198 -12.81 -12.09 3.45
C LEU A 198 -11.96 -10.84 3.58
N THR A 199 -12.58 -9.77 4.07
CA THR A 199 -11.88 -8.51 4.28
C THR A 199 -11.95 -8.02 5.71
N SER A 200 -13.04 -8.32 6.43
CA SER A 200 -13.15 -7.85 7.80
CA SER A 200 -13.16 -7.86 7.81
C SER A 200 -12.09 -8.50 8.68
N GLY A 201 -11.50 -7.70 9.56
CA GLY A 201 -10.52 -8.21 10.50
C GLY A 201 -9.21 -8.62 9.90
N VAL A 202 -8.94 -8.22 8.66
CA VAL A 202 -7.66 -8.49 8.01
C VAL A 202 -6.69 -7.35 8.33
N HIS A 203 -5.46 -7.70 8.69
CA HIS A 203 -4.36 -6.75 8.80
C HIS A 203 -3.22 -7.26 7.93
N THR A 204 -2.95 -6.59 6.82
CA THR A 204 -1.79 -6.91 5.99
C THR A 204 -0.71 -5.86 6.28
N PHE A 205 0.42 -6.31 6.84
CA PHE A 205 1.38 -5.37 7.38
C PHE A 205 2.31 -4.83 6.28
N PRO A 206 2.77 -3.60 6.42
CA PRO A 206 3.80 -3.09 5.51
C PRO A 206 5.03 -3.99 5.50
N ALA A 207 5.68 -4.07 4.35
CA ALA A 207 6.88 -4.88 4.19
C ALA A 207 8.01 -4.34 5.06
N VAL A 208 8.87 -5.25 5.52
CA VAL A 208 10.11 -4.90 6.22
C VAL A 208 11.27 -5.29 5.31
N LEU A 209 12.35 -4.52 5.39
CA LEU A 209 13.57 -4.80 4.62
C LEU A 209 14.49 -5.63 5.49
N GLN A 210 14.87 -6.81 5.00
CA GLN A 210 15.77 -7.68 5.76
C GLN A 210 17.23 -7.34 5.44
N SER A 211 18.13 -7.80 6.33
CA SER A 211 19.55 -7.55 6.13
CA SER A 211 19.55 -7.55 6.13
C SER A 211 20.04 -8.16 4.82
N SER A 212 19.36 -9.21 4.33
CA SER A 212 19.66 -9.80 3.04
C SER A 212 19.34 -8.88 1.87
N GLY A 213 18.61 -7.79 2.10
CA GLY A 213 18.11 -6.96 1.03
C GLY A 213 16.78 -7.40 0.47
N LEU A 214 16.22 -8.51 0.99
CA LEU A 214 14.92 -9.00 0.59
C LEU A 214 13.86 -8.53 1.58
N TYR A 215 12.65 -8.41 1.09
CA TYR A 215 11.52 -7.98 1.91
C TYR A 215 10.79 -9.19 2.52
N SER A 216 10.04 -8.91 3.57
CA SER A 216 9.13 -9.87 4.17
CA SER A 216 9.11 -9.86 4.16
C SER A 216 7.90 -9.10 4.65
N LEU A 217 6.76 -9.77 4.64
CA LEU A 217 5.56 -9.18 5.24
C LEU A 217 4.71 -10.30 5.79
N SER A 218 3.73 -9.93 6.60
CA SER A 218 2.76 -10.91 7.06
C SER A 218 1.37 -10.32 6.89
N SER A 219 0.39 -11.22 6.78
CA SER A 219 -1.01 -10.82 6.72
C SER A 219 -1.78 -11.71 7.68
N VAL A 220 -2.61 -11.11 8.53
CA VAL A 220 -3.34 -11.87 9.53
C VAL A 220 -4.82 -11.52 9.45
N VAL A 221 -5.64 -12.41 10.01
CA VAL A 221 -7.08 -12.18 10.05
C VAL A 221 -7.61 -12.79 11.34
N THR A 222 -8.61 -12.14 11.93
CA THR A 222 -9.26 -12.63 13.14
C THR A 222 -10.63 -13.16 12.74
N VAL A 223 -10.94 -14.38 13.16
CA VAL A 223 -12.15 -15.07 12.74
C VAL A 223 -12.78 -15.72 13.97
N PRO A 224 -14.01 -16.21 13.90
CA PRO A 224 -14.61 -16.87 15.07
C PRO A 224 -13.88 -18.18 15.37
N SER A 225 -13.60 -18.42 16.65
CA SER A 225 -13.05 -19.71 17.06
CA SER A 225 -13.04 -19.71 17.04
C SER A 225 -13.99 -20.84 16.67
N SER A 226 -15.30 -20.58 16.73
CA SER A 226 -16.29 -21.58 16.38
C SER A 226 -16.23 -21.99 14.91
N SER A 227 -15.60 -21.17 14.05
CA SER A 227 -15.65 -21.33 12.61
C SER A 227 -14.60 -22.30 12.09
N LEU A 228 -13.60 -22.63 12.89
CA LEU A 228 -12.38 -23.22 12.34
C LEU A 228 -12.62 -24.62 11.80
N GLY A 229 -13.68 -25.30 12.24
CA GLY A 229 -13.96 -26.65 11.78
C GLY A 229 -14.62 -26.73 10.41
N THR A 230 -15.30 -25.67 9.99
CA THR A 230 -16.08 -25.68 8.77
C THR A 230 -15.60 -24.71 7.71
N GLN A 231 -14.89 -23.65 8.06
CA GLN A 231 -14.52 -22.65 7.09
C GLN A 231 -13.11 -22.89 6.58
N THR A 232 -12.89 -22.46 5.35
CA THR A 232 -11.59 -22.53 4.71
C THR A 232 -11.02 -21.12 4.59
N TYR A 233 -9.77 -20.95 5.01
CA TYR A 233 -9.10 -19.66 4.94
C TYR A 233 -7.87 -19.82 4.06
N ILE A 234 -7.88 -19.13 2.93
CA ILE A 234 -6.82 -19.18 1.93
C ILE A 234 -6.26 -17.78 1.75
N CYS A 235 -4.95 -17.62 1.90
CA CYS A 235 -4.34 -16.33 1.61
C CYS A 235 -3.84 -16.36 0.17
N ASN A 236 -4.22 -15.37 -0.60
CA ASN A 236 -3.86 -15.28 -2.01
C ASN A 236 -2.75 -14.27 -2.12
N VAL A 237 -1.54 -14.76 -2.42
CA VAL A 237 -0.34 -13.94 -2.42
C VAL A 237 0.06 -13.71 -3.87
N ASN A 238 0.23 -12.46 -4.25
CA ASN A 238 0.64 -12.09 -5.62
C ASN A 238 1.92 -11.28 -5.53
N HIS A 239 3.00 -11.77 -6.13
CA HIS A 239 4.23 -11.01 -6.31
C HIS A 239 4.43 -10.88 -7.82
N LYS A 240 3.77 -9.90 -8.42
CA LYS A 240 3.79 -9.79 -9.89
C LYS A 240 5.20 -9.58 -10.44
N PRO A 241 6.11 -8.85 -9.79
CA PRO A 241 7.48 -8.73 -10.35
C PRO A 241 8.18 -10.04 -10.62
N SER A 242 7.81 -11.14 -9.95
CA SER A 242 8.41 -12.46 -10.23
C SER A 242 7.40 -13.42 -10.82
N ASN A 243 6.23 -12.93 -11.21
CA ASN A 243 5.13 -13.79 -11.67
C ASN A 243 4.81 -14.90 -10.66
N THR A 244 4.96 -14.62 -9.36
CA THR A 244 4.67 -15.60 -8.32
C THR A 244 3.25 -15.39 -7.83
N LYS A 245 2.46 -16.46 -7.85
CA LYS A 245 1.10 -16.45 -7.34
C LYS A 245 0.90 -17.70 -6.50
N VAL A 246 0.63 -17.53 -5.21
CA VAL A 246 0.50 -18.64 -4.28
C VAL A 246 -0.84 -18.49 -3.56
N ASP A 247 -1.58 -19.58 -3.45
CA ASP A 247 -2.80 -19.66 -2.66
C ASP A 247 -2.56 -20.68 -1.56
N LYS A 248 -2.37 -20.21 -0.34
CA LYS A 248 -2.00 -21.07 0.77
C LYS A 248 -3.20 -21.24 1.69
N LYS A 249 -3.66 -22.47 1.82
CA LYS A 249 -4.72 -22.77 2.77
C LYS A 249 -4.11 -22.86 4.17
N VAL A 250 -4.70 -22.13 5.11
CA VAL A 250 -4.18 -22.08 6.47
C VAL A 250 -5.11 -22.90 7.36
N GLU A 251 -4.60 -24.02 7.89
CA GLU A 251 -5.34 -24.95 8.73
C GLU A 251 -4.91 -24.89 10.18
N PRO A 252 -5.82 -25.22 11.12
CA PRO A 252 -5.50 -25.27 12.56
C PRO A 252 -4.33 -26.17 12.91
N GLY B 31 9.33 28.06 -16.28
CA GLY B 31 8.07 28.34 -16.94
C GLY B 31 6.93 27.45 -16.46
N ASP B 32 7.28 26.26 -15.95
CA ASP B 32 6.27 25.35 -15.44
C ASP B 32 5.56 25.93 -14.23
N ILE B 33 4.27 25.64 -14.11
CA ILE B 33 3.47 26.10 -12.99
C ILE B 33 3.73 25.16 -11.81
N GLU B 34 4.15 25.73 -10.68
CA GLU B 34 4.38 24.95 -9.48
C GLU B 34 3.14 25.02 -8.59
N MET B 35 2.64 23.85 -8.20
CA MET B 35 1.55 23.74 -7.23
C MET B 35 2.14 23.34 -5.89
N THR B 36 1.74 24.06 -4.84
CA THR B 36 2.17 23.80 -3.48
C THR B 36 0.95 23.61 -2.60
N GLN B 37 1.16 22.96 -1.44
CA GLN B 37 0.07 22.65 -0.53
C GLN B 37 0.53 22.85 0.91
N SER B 38 -0.43 23.22 1.77
CA SER B 38 -0.13 23.47 3.18
C SER B 38 -1.34 23.06 4.02
N PRO B 39 -1.12 22.38 5.16
CA PRO B 39 0.20 21.83 5.55
C PRO B 39 0.48 20.53 4.79
N SER B 40 1.63 19.89 5.01
CA SER B 40 1.88 18.62 4.34
C SER B 40 1.18 17.47 5.05
N SER B 41 0.89 17.62 6.34
CA SER B 41 -0.02 16.71 7.02
C SER B 41 -0.74 17.47 8.11
N LEU B 42 -1.87 16.94 8.55
CA LEU B 42 -2.59 17.52 9.66
C LEU B 42 -3.41 16.43 10.34
N SER B 43 -3.64 16.62 11.63
CA SER B 43 -4.54 15.76 12.40
C SER B 43 -5.87 16.46 12.56
N ALA B 44 -6.94 15.68 12.45
CA ALA B 44 -8.30 16.21 12.61
C ALA B 44 -9.18 15.08 13.13
N SER B 45 -10.25 15.48 13.81
CA SER B 45 -11.17 14.54 14.43
C SER B 45 -12.40 14.33 13.57
N ILE B 46 -12.97 13.12 13.67
CA ILE B 46 -14.23 12.82 12.98
C ILE B 46 -15.27 13.86 13.33
N GLY B 47 -16.05 14.27 12.33
CA GLY B 47 -17.08 15.27 12.51
C GLY B 47 -16.63 16.71 12.36
N ASP B 48 -15.33 16.98 12.46
CA ASP B 48 -14.83 18.34 12.30
C ASP B 48 -14.96 18.82 10.86
N ARG B 49 -14.85 20.13 10.69
CA ARG B 49 -14.69 20.75 9.38
C ARG B 49 -13.21 20.80 9.04
N LEU B 50 -12.88 20.42 7.80
CA LEU B 50 -11.52 20.36 7.34
C LEU B 50 -11.30 21.36 6.21
N THR B 51 -10.19 22.10 6.27
CA THR B 51 -9.81 23.07 5.25
C THR B 51 -8.37 22.84 4.84
N ILE B 52 -8.14 22.49 3.57
CA ILE B 52 -6.78 22.38 3.07
C ILE B 52 -6.65 23.25 1.83
N THR B 53 -5.45 23.79 1.62
CA THR B 53 -5.24 24.81 0.60
C THR B 53 -4.17 24.38 -0.40
N CYS B 54 -4.28 24.98 -1.58
CA CYS B 54 -3.45 24.70 -2.73
C CYS B 54 -3.13 26.03 -3.40
N ARG B 55 -1.85 26.32 -3.60
CA ARG B 55 -1.39 27.56 -4.21
C ARG B 55 -0.71 27.27 -5.54
N ALA B 56 -1.06 28.05 -6.57
CA ALA B 56 -0.37 28.01 -7.86
C ALA B 56 0.64 29.15 -7.95
N SER B 57 1.82 28.85 -8.49
CA SER B 57 2.85 29.86 -8.65
C SER B 57 2.49 30.93 -9.68
N GLN B 58 1.44 30.71 -10.48
CA GLN B 58 0.92 31.70 -11.42
C GLN B 58 -0.60 31.61 -11.43
N ALA B 59 -1.24 32.69 -11.86
CA ALA B 59 -2.70 32.72 -11.94
C ALA B 59 -3.21 31.69 -12.95
N ILE B 60 -4.21 30.90 -12.55
CA ILE B 60 -4.73 29.85 -13.41
C ILE B 60 -6.26 29.81 -13.43
N ARG B 61 -6.90 30.92 -13.06
CA ARG B 61 -8.36 31.08 -13.12
C ARG B 61 -9.00 30.01 -12.26
N GLU B 62 -9.79 29.08 -12.82
CA GLU B 62 -10.44 28.04 -12.03
C GLU B 62 -10.01 26.64 -12.48
N SER B 63 -8.80 26.53 -13.03
CA SER B 63 -8.33 25.29 -13.66
C SER B 63 -7.62 24.38 -12.66
N VAL B 64 -8.35 23.98 -11.62
CA VAL B 64 -7.80 23.18 -10.52
C VAL B 64 -8.69 21.98 -10.26
N GLN B 65 -8.05 20.83 -10.01
CA GLN B 65 -8.72 19.58 -9.66
C GLN B 65 -8.20 19.12 -8.30
N TRP B 66 -8.99 18.29 -7.62
CA TRP B 66 -8.58 17.62 -6.39
C TRP B 66 -8.71 16.12 -6.53
N TYR B 67 -7.67 15.39 -6.11
CA TYR B 67 -7.67 13.94 -6.08
C TYR B 67 -7.48 13.45 -4.66
N GLN B 68 -8.07 12.29 -4.38
CA GLN B 68 -7.89 11.60 -3.11
C GLN B 68 -7.03 10.38 -3.37
N GLN B 69 -6.03 10.16 -2.51
CA GLN B 69 -5.12 9.02 -2.61
C GLN B 69 -5.14 8.26 -1.29
N LYS B 70 -5.35 6.95 -1.38
CA LYS B 70 -5.21 6.07 -0.23
C LYS B 70 -4.21 4.97 -0.59
N PRO B 71 -3.44 4.46 0.38
CA PRO B 71 -2.38 3.50 0.07
C PRO B 71 -2.90 2.28 -0.70
N GLY B 72 -2.19 1.95 -1.79
CA GLY B 72 -2.50 0.81 -2.62
C GLY B 72 -3.71 0.97 -3.51
N LYS B 73 -4.45 2.08 -3.42
CA LYS B 73 -5.69 2.25 -4.15
C LYS B 73 -5.54 3.23 -5.30
N ALA B 74 -6.47 3.14 -6.23
CA ALA B 74 -6.43 4.04 -7.38
C ALA B 74 -6.73 5.46 -6.93
N PRO B 75 -5.97 6.46 -7.40
CA PRO B 75 -6.34 7.86 -7.14
C PRO B 75 -7.76 8.09 -7.61
N LYS B 76 -8.46 9.00 -6.93
CA LYS B 76 -9.87 9.24 -7.19
C LYS B 76 -10.11 10.73 -7.41
N LEU B 77 -10.73 11.05 -8.54
CA LEU B 77 -11.12 12.43 -8.82
C LEU B 77 -12.27 12.84 -7.92
N LEU B 78 -12.08 13.91 -7.15
CA LEU B 78 -13.12 14.43 -6.28
C LEU B 78 -13.86 15.62 -6.89
N MET B 79 -13.13 16.47 -7.59
CA MET B 79 -13.58 17.83 -7.87
C MET B 79 -12.78 18.38 -9.04
N PHE B 80 -13.47 19.03 -9.98
CA PHE B 80 -12.80 19.63 -11.13
C PHE B 80 -13.35 21.04 -11.37
N SER B 81 -12.58 21.83 -12.12
CA SER B 81 -12.88 23.24 -12.35
C SER B 81 -13.11 23.96 -11.01
N THR B 82 -12.24 23.68 -10.04
CA THR B 82 -12.25 24.26 -8.70
C THR B 82 -13.40 23.76 -7.83
N SER B 83 -14.63 23.71 -8.35
CA SER B 83 -15.78 23.57 -7.47
C SER B 83 -16.81 22.52 -7.89
N ILE B 84 -16.61 21.81 -9.00
CA ILE B 84 -17.61 20.87 -9.48
C ILE B 84 -17.33 19.49 -8.89
N LEU B 85 -18.29 18.97 -8.13
CA LEU B 85 -18.16 17.65 -7.54
C LEU B 85 -18.22 16.57 -8.62
N GLU B 86 -17.27 15.64 -8.58
CA GLU B 86 -17.36 14.48 -9.44
C GLU B 86 -18.56 13.62 -9.01
N SER B 87 -19.17 12.95 -9.99
CA SER B 87 -20.31 12.09 -9.73
C SER B 87 -20.01 11.10 -8.62
N GLY B 88 -20.94 10.99 -7.67
CA GLY B 88 -20.81 10.05 -6.59
C GLY B 88 -20.02 10.54 -5.40
N VAL B 89 -19.38 11.70 -5.49
CA VAL B 89 -18.63 12.24 -4.36
C VAL B 89 -19.62 12.80 -3.33
N PRO B 90 -19.47 12.46 -2.05
CA PRO B 90 -20.39 12.99 -1.04
C PRO B 90 -20.42 14.51 -1.02
N SER B 91 -21.60 15.06 -0.70
CA SER B 91 -21.80 16.50 -0.76
C SER B 91 -21.12 17.24 0.37
N ARG B 92 -20.58 16.56 1.39
CA ARG B 92 -19.78 17.23 2.39
C ARG B 92 -18.47 17.77 1.81
N PHE B 93 -18.12 17.35 0.59
CA PHE B 93 -16.96 17.88 -0.12
C PHE B 93 -17.38 19.10 -0.94
N SER B 94 -16.56 20.15 -0.87
CA SER B 94 -16.76 21.33 -1.69
C SER B 94 -15.42 21.98 -1.91
N GLY B 95 -15.32 22.73 -3.01
CA GLY B 95 -14.10 23.42 -3.34
C GLY B 95 -14.39 24.85 -3.75
N SER B 96 -13.39 25.70 -3.54
CA SER B 96 -13.53 27.12 -3.76
C SER B 96 -12.17 27.65 -4.18
N GLY B 97 -12.15 28.90 -4.60
CA GLY B 97 -10.92 29.57 -4.98
C GLY B 97 -10.98 30.11 -6.38
N PHE B 98 -9.91 30.80 -6.76
CA PHE B 98 -9.71 31.43 -8.05
C PHE B 98 -8.30 32.00 -8.07
N GLY B 99 -7.70 32.04 -9.26
CA GLY B 99 -6.42 32.70 -9.40
C GLY B 99 -5.25 31.86 -8.99
N THR B 100 -4.73 32.10 -7.78
CA THR B 100 -3.61 31.33 -7.26
C THR B 100 -3.88 30.68 -5.91
N HIS B 101 -5.07 30.85 -5.35
CA HIS B 101 -5.41 30.27 -4.06
C HIS B 101 -6.66 29.41 -4.20
N PHE B 102 -6.56 28.15 -3.77
CA PHE B 102 -7.67 27.23 -3.90
C PHE B 102 -7.82 26.45 -2.60
N THR B 103 -9.06 25.99 -2.34
CA THR B 103 -9.41 25.39 -1.06
C THR B 103 -10.29 24.17 -1.26
N LEU B 104 -9.92 23.06 -0.60
CA LEU B 104 -10.80 21.92 -0.48
C LEU B 104 -11.35 21.92 0.94
N THR B 105 -12.66 21.72 1.06
CA THR B 105 -13.33 21.72 2.37
C THR B 105 -14.14 20.44 2.52
N ILE B 106 -13.97 19.78 3.67
CA ILE B 106 -14.88 18.74 4.11
C ILE B 106 -15.66 19.28 5.30
N SER B 107 -16.99 19.32 5.18
CA SER B 107 -17.80 20.02 6.17
C SER B 107 -17.87 19.23 7.47
N SER B 108 -17.92 17.91 7.39
CA SER B 108 -17.99 17.04 8.57
C SER B 108 -17.16 15.81 8.26
N LEU B 109 -15.93 15.78 8.76
CA LEU B 109 -14.97 14.73 8.42
C LEU B 109 -15.50 13.36 8.85
N GLN B 110 -15.46 12.40 7.93
CA GLN B 110 -15.91 11.04 8.17
C GLN B 110 -14.74 10.06 8.15
N PRO B 111 -14.90 8.86 8.71
CA PRO B 111 -13.75 7.93 8.78
C PRO B 111 -13.14 7.62 7.42
N GLU B 112 -13.94 7.51 6.37
CA GLU B 112 -13.39 7.22 5.05
C GLU B 112 -12.62 8.39 4.45
N ASP B 113 -12.64 9.57 5.07
CA ASP B 113 -11.98 10.75 4.56
C ASP B 113 -10.51 10.86 4.95
N PHE B 114 -10.01 10.02 5.85
CA PHE B 114 -8.60 10.07 6.19
C PHE B 114 -7.79 9.49 5.03
N ALA B 115 -6.92 10.33 4.46
CA ALA B 115 -6.36 10.10 3.13
C ALA B 115 -5.39 11.23 2.79
N THR B 116 -4.72 11.12 1.64
CA THR B 116 -3.90 12.19 1.11
C THR B 116 -4.67 12.87 -0.03
N TYR B 117 -4.63 14.20 -0.05
CA TYR B 117 -5.34 14.99 -1.04
C TYR B 117 -4.33 15.82 -1.84
N SER B 118 -4.41 15.72 -3.16
CA SER B 118 -3.49 16.41 -4.06
C SER B 118 -4.29 17.29 -5.02
N CYS B 119 -3.85 18.54 -5.18
CA CYS B 119 -4.46 19.35 -6.23
C CYS B 119 -3.67 19.20 -7.52
N GLN B 120 -4.26 19.71 -8.60
CA GLN B 120 -3.66 19.60 -9.93
C GLN B 120 -4.21 20.72 -10.81
N GLN B 121 -3.33 21.38 -11.56
CA GLN B 121 -3.75 22.37 -12.54
C GLN B 121 -3.76 21.76 -13.93
N ASN B 122 -4.83 22.04 -14.68
CA ASN B 122 -4.94 21.66 -16.08
C ASN B 122 -4.83 22.88 -17.00
N TYR B 123 -4.25 23.97 -16.48
CA TYR B 123 -4.27 25.25 -17.19
C TYR B 123 -3.27 25.26 -18.34
N SER B 124 -2.02 24.88 -18.08
CA SER B 124 -0.99 25.07 -19.08
C SER B 124 0.10 24.01 -18.98
N GLY B 125 0.95 24.02 -20.03
CA GLY B 125 2.23 23.35 -20.04
C GLY B 125 2.19 21.95 -19.47
N PRO B 126 3.23 21.60 -18.73
CA PRO B 126 3.17 20.38 -17.91
C PRO B 126 2.05 20.50 -16.90
N PHE B 127 1.12 19.57 -16.94
CA PHE B 127 -0.02 19.59 -16.04
C PHE B 127 0.45 19.05 -14.70
N THR B 128 0.61 19.92 -13.72
CA THR B 128 1.37 19.64 -12.52
C THR B 128 0.46 19.45 -11.31
N PHE B 129 0.93 18.61 -10.39
CA PHE B 129 0.24 18.28 -9.16
C PHE B 129 0.95 18.89 -7.97
N GLY B 130 0.17 19.25 -6.95
CA GLY B 130 0.72 19.52 -5.64
C GLY B 130 1.33 18.28 -5.02
N PRO B 131 2.12 18.46 -3.95
CA PRO B 131 2.78 17.30 -3.31
C PRO B 131 1.84 16.45 -2.47
N GLY B 132 0.63 16.92 -2.18
CA GLY B 132 -0.30 16.17 -1.36
C GLY B 132 -0.31 16.59 0.11
N THR B 133 -1.49 16.61 0.71
CA THR B 133 -1.65 16.85 2.15
C THR B 133 -2.32 15.62 2.75
N LYS B 134 -1.67 15.03 3.76
CA LYS B 134 -2.18 13.82 4.40
C LYS B 134 -3.04 14.20 5.59
N VAL B 135 -4.31 13.80 5.57
CA VAL B 135 -5.23 14.02 6.68
C VAL B 135 -5.20 12.79 7.57
N GLU B 136 -4.76 12.97 8.81
CA GLU B 136 -4.61 11.90 9.79
C GLU B 136 -5.55 12.12 10.96
N MET B 137 -5.71 11.08 11.78
CA MET B 137 -6.64 11.14 12.89
C MET B 137 -6.03 11.90 14.07
N ARG B 138 -6.84 12.77 14.68
CA ARG B 138 -6.56 13.32 16.00
C ARG B 138 -7.36 12.49 17.00
N ALA B 139 -6.88 11.27 17.24
CA ALA B 139 -7.66 10.32 18.01
C ALA B 139 -7.73 10.75 19.47
N ALA B 140 -8.95 10.95 19.96
CA ALA B 140 -9.24 11.09 21.39
C ALA B 140 -9.66 9.75 21.98
N ALA B 141 -8.96 8.68 21.58
CA ALA B 141 -9.47 7.33 21.76
C ALA B 141 -9.12 6.78 23.13
N THR B 142 -9.99 5.91 23.64
CA THR B 142 -9.72 5.18 24.87
C THR B 142 -8.43 4.39 24.75
N VAL B 143 -7.73 4.25 25.88
CA VAL B 143 -6.61 3.32 25.94
C VAL B 143 -7.12 1.92 25.68
N ALA B 144 -6.43 1.18 24.81
CA ALA B 144 -6.79 -0.21 24.54
C ALA B 144 -5.52 -1.05 24.50
N ALA B 145 -5.39 -1.99 25.43
CA ALA B 145 -4.24 -2.87 25.46
C ALA B 145 -4.28 -3.81 24.26
N PRO B 146 -3.12 -4.25 23.76
CA PRO B 146 -3.13 -5.21 22.66
C PRO B 146 -3.56 -6.59 23.13
N SER B 147 -4.24 -7.30 22.23
CA SER B 147 -4.32 -8.75 22.31
C SER B 147 -3.04 -9.34 21.72
N VAL B 148 -2.35 -10.18 22.48
CA VAL B 148 -1.01 -10.65 22.12
C VAL B 148 -1.09 -12.13 21.78
N PHE B 149 -0.64 -12.47 20.57
CA PHE B 149 -0.67 -13.85 20.10
C PHE B 149 0.70 -14.23 19.58
N ILE B 150 1.03 -15.52 19.64
CA ILE B 150 2.34 -15.99 19.19
C ILE B 150 2.17 -17.18 18.26
N PHE B 151 2.99 -17.25 17.23
CA PHE B 151 2.94 -18.29 16.19
C PHE B 151 4.31 -18.94 16.07
N PRO B 152 4.44 -20.22 16.41
CA PRO B 152 5.71 -20.94 16.13
C PRO B 152 5.99 -20.99 14.64
N PRO B 153 7.21 -21.33 14.26
CA PRO B 153 7.50 -21.58 12.84
C PRO B 153 6.63 -22.71 12.31
N SER B 154 6.29 -22.61 11.03
CA SER B 154 5.61 -23.70 10.35
C SER B 154 6.57 -24.84 10.09
N ASP B 155 6.02 -26.05 10.04
CA ASP B 155 6.85 -27.22 9.71
C ASP B 155 7.51 -27.05 8.35
N GLU B 156 6.80 -26.48 7.37
CA GLU B 156 7.44 -26.33 6.05
C GLU B 156 8.62 -25.39 6.11
N GLN B 157 8.52 -24.29 6.88
CA GLN B 157 9.69 -23.42 6.96
C GLN B 157 10.85 -24.12 7.66
N LEU B 158 10.58 -24.82 8.76
CA LEU B 158 11.66 -25.47 9.51
C LEU B 158 12.41 -26.46 8.64
N LYS B 159 11.69 -27.16 7.75
CA LYS B 159 12.36 -28.09 6.85
C LYS B 159 13.35 -27.38 5.95
N SER B 160 13.09 -26.12 5.60
CA SER B 160 14.02 -25.36 4.79
C SER B 160 15.19 -24.78 5.58
N GLY B 161 15.26 -25.01 6.88
CA GLY B 161 16.41 -24.64 7.67
C GLY B 161 16.32 -23.32 8.40
N THR B 162 15.16 -22.68 8.41
CA THR B 162 14.99 -21.38 9.06
C THR B 162 13.75 -21.43 9.93
N ALA B 163 13.76 -20.65 11.01
CA ALA B 163 12.65 -20.62 11.95
C ALA B 163 12.28 -19.17 12.20
N SER B 164 11.09 -18.77 11.76
CA SER B 164 10.54 -17.46 12.04
C SER B 164 9.42 -17.60 13.06
N VAL B 165 9.52 -16.88 14.17
CA VAL B 165 8.49 -16.85 15.19
C VAL B 165 7.81 -15.50 15.11
N VAL B 166 6.48 -15.49 15.09
CA VAL B 166 5.74 -14.26 14.88
C VAL B 166 4.94 -13.96 16.15
N CYS B 167 5.07 -12.71 16.61
CA CYS B 167 4.27 -12.19 17.71
C CYS B 167 3.37 -11.12 17.15
N LEU B 168 2.08 -11.21 17.42
CA LEU B 168 1.08 -10.30 16.88
C LEU B 168 0.46 -9.53 18.04
N LEU B 169 0.50 -8.20 17.96
CA LEU B 169 -0.17 -7.31 18.91
C LEU B 169 -1.36 -6.71 18.16
N ASN B 170 -2.58 -7.06 18.55
CA ASN B 170 -3.74 -6.72 17.75
C ASN B 170 -4.55 -5.62 18.41
N ASN B 171 -4.83 -4.56 17.64
CA ASN B 171 -5.85 -3.55 17.92
C ASN B 171 -5.63 -2.86 19.27
N PHE B 172 -4.57 -2.08 19.33
CA PHE B 172 -4.20 -1.36 20.54
C PHE B 172 -4.15 0.15 20.31
N TYR B 173 -4.26 0.92 21.40
CA TYR B 173 -4.13 2.36 21.34
C TYR B 173 -3.64 2.84 22.71
N PRO B 174 -2.65 3.73 22.78
CA PRO B 174 -1.98 4.46 21.69
C PRO B 174 -0.95 3.64 20.96
N ARG B 175 -0.26 4.28 20.01
CA ARG B 175 0.64 3.58 19.10
C ARG B 175 1.87 3.00 19.78
N GLU B 176 2.36 3.65 20.82
CA GLU B 176 3.63 3.24 21.41
C GLU B 176 3.47 1.88 22.06
N ALA B 177 4.22 0.90 21.59
CA ALA B 177 4.20 -0.46 22.12
C ALA B 177 5.61 -1.02 21.99
N LYS B 178 6.07 -1.72 23.03
CA LYS B 178 7.42 -2.27 23.05
C LYS B 178 7.34 -3.78 23.08
N VAL B 179 8.01 -4.43 22.13
CA VAL B 179 8.13 -5.87 22.07
C VAL B 179 9.58 -6.23 22.40
N GLN B 180 9.77 -7.17 23.31
CA GLN B 180 11.05 -7.80 23.53
C GLN B 180 10.92 -9.30 23.36
N TRP B 181 11.87 -9.89 22.65
CA TRP B 181 11.90 -11.33 22.47
C TRP B 181 12.86 -11.93 23.49
N LYS B 182 12.42 -13.04 24.10
CA LYS B 182 13.24 -13.77 25.06
C LYS B 182 13.23 -15.25 24.70
N VAL B 183 14.41 -15.85 24.66
CA VAL B 183 14.59 -17.26 24.33
C VAL B 183 15.28 -17.91 25.52
N ASP B 184 14.58 -18.85 26.17
CA ASP B 184 14.98 -19.38 27.47
C ASP B 184 15.37 -18.25 28.42
N ASN B 185 14.57 -17.18 28.37
CA ASN B 185 14.63 -16.00 29.22
C ASN B 185 15.83 -15.10 28.94
N ALA B 186 16.54 -15.32 27.82
CA ALA B 186 17.63 -14.45 27.40
C ALA B 186 17.09 -13.42 26.42
N LEU B 187 17.28 -12.13 26.74
CA LEU B 187 16.80 -11.07 25.87
C LEU B 187 17.50 -11.12 24.52
N GLN B 188 16.72 -11.13 23.44
CA GLN B 188 17.27 -11.15 22.10
C GLN B 188 17.55 -9.74 21.59
N SER B 189 18.50 -9.65 20.68
CA SER B 189 18.80 -8.38 20.00
CA SER B 189 18.81 -8.38 20.02
C SER B 189 19.36 -8.67 18.62
N GLY B 190 18.89 -7.89 17.65
CA GLY B 190 19.40 -7.94 16.30
C GLY B 190 18.80 -9.00 15.40
N ASN B 191 17.93 -9.85 15.91
CA ASN B 191 17.39 -10.95 15.10
C ASN B 191 15.88 -10.84 14.91
N SER B 192 15.32 -9.64 15.01
CA SER B 192 13.88 -9.43 14.86
C SER B 192 13.60 -8.18 14.04
N GLN B 193 12.43 -8.16 13.42
CA GLN B 193 11.93 -6.99 12.69
C GLN B 193 10.46 -6.84 13.01
N GLU B 194 9.97 -5.60 12.98
CA GLU B 194 8.55 -5.37 13.23
C GLU B 194 7.99 -4.33 12.28
N SER B 195 6.65 -4.33 12.19
CA SER B 195 5.90 -3.46 11.29
C SER B 195 4.58 -3.16 11.95
N VAL B 196 4.08 -1.94 11.77
CA VAL B 196 2.80 -1.47 12.33
CA VAL B 196 2.79 -1.51 12.32
C VAL B 196 1.86 -1.15 11.17
N THR B 197 0.57 -1.45 11.36
CA THR B 197 -0.42 -1.09 10.35
C THR B 197 -0.70 0.41 10.35
N GLU B 198 -1.35 0.87 9.28
CA GLU B 198 -1.97 2.18 9.30
C GLU B 198 -3.02 2.22 10.40
N GLN B 199 -3.19 3.38 11.02
CA GLN B 199 -4.24 3.55 12.02
C GLN B 199 -5.61 3.21 11.42
N ASP B 200 -6.42 2.51 12.20
CA ASP B 200 -7.76 2.14 11.75
C ASP B 200 -8.66 3.37 11.83
N SER B 201 -9.27 3.73 10.70
CA SER B 201 -10.08 4.94 10.65
C SER B 201 -11.38 4.82 11.43
N LYS B 202 -11.79 3.62 11.83
CA LYS B 202 -13.05 3.41 12.53
C LYS B 202 -12.91 3.25 14.04
N ASP B 203 -11.72 2.92 14.56
CA ASP B 203 -11.57 2.88 16.01
C ASP B 203 -10.21 3.36 16.50
N SER B 204 -9.38 3.95 15.65
CA SER B 204 -8.10 4.58 16.00
C SER B 204 -7.03 3.61 16.45
N THR B 205 -7.22 2.29 16.31
CA THR B 205 -6.25 1.35 16.82
C THR B 205 -5.18 1.01 15.80
N TYR B 206 -4.12 0.39 16.29
CA TYR B 206 -3.03 -0.11 15.49
C TYR B 206 -2.89 -1.59 15.73
N SER B 207 -2.19 -2.28 14.81
CA SER B 207 -1.69 -3.61 15.09
C SER B 207 -0.22 -3.65 14.71
N LEU B 208 0.51 -4.58 15.32
CA LEU B 208 1.95 -4.68 15.18
C LEU B 208 2.33 -6.15 15.03
N SER B 209 3.19 -6.44 14.04
CA SER B 209 3.69 -7.78 13.81
C SER B 209 5.18 -7.74 14.04
N SER B 210 5.68 -8.62 14.90
CA SER B 210 7.11 -8.76 15.11
C SER B 210 7.54 -10.19 14.76
N THR B 211 8.63 -10.32 13.99
CA THR B 211 9.13 -11.63 13.62
C THR B 211 10.55 -11.81 14.14
N LEU B 212 10.76 -12.86 14.92
CA LEU B 212 12.09 -13.30 15.35
C LEU B 212 12.53 -14.40 14.40
N THR B 213 13.69 -14.26 13.76
CA THR B 213 14.15 -15.26 12.82
C THR B 213 15.48 -15.84 13.27
N LEU B 214 15.52 -17.17 13.37
CA LEU B 214 16.71 -17.93 13.74
C LEU B 214 16.98 -19.00 12.70
N SER B 215 18.23 -19.45 12.62
CA SER B 215 18.46 -20.69 11.88
C SER B 215 17.78 -21.84 12.60
N LYS B 216 17.44 -22.88 11.83
CA LYS B 216 16.83 -24.05 12.43
C LYS B 216 17.73 -24.65 13.50
N ALA B 217 19.04 -24.71 13.23
CA ALA B 217 19.98 -25.25 14.22
C ALA B 217 19.92 -24.47 15.53
N ASP B 218 19.96 -23.13 15.44
CA ASP B 218 19.84 -22.30 16.64
C ASP B 218 18.49 -22.46 17.30
N TYR B 219 17.41 -22.49 16.49
CA TYR B 219 16.07 -22.66 17.05
C TYR B 219 15.99 -23.93 17.89
N GLU B 220 16.63 -25.01 17.43
CA GLU B 220 16.54 -26.28 18.13
C GLU B 220 17.42 -26.36 19.37
N LYS B 221 18.28 -25.37 19.60
CA LYS B 221 19.09 -25.37 20.81
C LYS B 221 18.34 -24.84 22.04
N HIS B 222 17.06 -24.47 21.90
CA HIS B 222 16.36 -23.76 22.97
C HIS B 222 14.94 -24.26 23.07
N LYS B 223 14.30 -23.94 24.20
CA LYS B 223 12.97 -24.46 24.48
C LYS B 223 11.89 -23.39 24.53
N VAL B 224 12.05 -22.34 25.34
CA VAL B 224 10.97 -21.38 25.59
C VAL B 224 11.16 -20.17 24.69
N TYR B 225 10.17 -19.89 23.85
CA TYR B 225 10.17 -18.73 22.97
C TYR B 225 9.08 -17.81 23.44
N ALA B 226 9.46 -16.57 23.78
CA ALA B 226 8.56 -15.66 24.45
C ALA B 226 8.59 -14.28 23.82
N CYS B 227 7.41 -13.70 23.69
CA CYS B 227 7.18 -12.33 23.27
C CYS B 227 6.70 -11.53 24.49
N GLU B 228 7.44 -10.50 24.88
CA GLU B 228 7.08 -9.70 26.06
C GLU B 228 6.70 -8.30 25.64
N VAL B 229 5.49 -7.87 26.02
CA VAL B 229 4.88 -6.66 25.48
C VAL B 229 4.65 -5.65 26.59
N THR B 230 5.10 -4.42 26.37
CA THR B 230 4.82 -3.28 27.24
C THR B 230 3.90 -2.32 26.50
N HIS B 231 2.87 -1.82 27.18
CA HIS B 231 1.92 -0.90 26.57
C HIS B 231 1.19 -0.16 27.67
N GLN B 232 0.79 1.08 27.36
CA GLN B 232 0.09 1.90 28.34
C GLN B 232 -1.13 1.20 28.94
N GLY B 233 -1.79 0.35 28.16
CA GLY B 233 -2.97 -0.35 28.62
C GLY B 233 -2.73 -1.50 29.57
N LEU B 234 -1.47 -1.81 29.86
CA LEU B 234 -1.08 -2.92 30.72
C LEU B 234 -0.39 -2.38 31.96
N SER B 235 -0.75 -2.91 33.14
CA SER B 235 -0.07 -2.45 34.35
C SER B 235 1.32 -3.04 34.51
N SER B 236 1.60 -4.16 33.84
CA SER B 236 2.94 -4.72 33.82
C SER B 236 3.10 -5.41 32.48
N PRO B 237 4.34 -5.73 32.08
CA PRO B 237 4.53 -6.39 30.78
C PRO B 237 3.84 -7.73 30.73
N VAL B 238 3.23 -8.04 29.59
CA VAL B 238 2.60 -9.34 29.40
C VAL B 238 3.52 -10.18 28.53
N THR B 239 3.67 -11.46 28.88
CA THR B 239 4.48 -12.39 28.12
C THR B 239 3.60 -13.46 27.48
N LYS B 240 3.81 -13.70 26.20
CA LYS B 240 3.15 -14.77 25.45
C LYS B 240 4.26 -15.71 25.00
N SER B 241 4.16 -17.00 25.32
CA SER B 241 5.26 -17.90 25.04
C SER B 241 4.74 -19.27 24.62
N PHE B 242 5.65 -20.06 24.04
CA PHE B 242 5.41 -21.47 23.80
C PHE B 242 6.72 -22.22 24.04
N ASN B 243 6.62 -23.54 24.22
CA ASN B 243 7.78 -24.41 24.33
C ASN B 243 7.94 -25.16 23.02
N ARG B 244 9.15 -25.11 22.44
CA ARG B 244 9.36 -25.63 21.10
C ARG B 244 8.90 -27.08 21.01
N GLY B 245 8.09 -27.36 19.98
CA GLY B 245 7.59 -28.70 19.73
C GLY B 245 6.61 -29.21 20.77
N GLU B 246 5.71 -28.36 21.25
CA GLU B 246 4.69 -28.80 22.20
C GLU B 246 3.35 -28.19 21.82
C1 NAG C . -1.73 16.12 -24.32
C2 NAG C . -2.94 16.99 -24.10
C3 NAG C . -2.92 18.15 -25.08
C4 NAG C . -1.62 18.94 -24.91
C5 NAG C . -0.39 18.04 -24.95
C6 NAG C . 0.85 18.75 -24.49
C7 NAG C . -4.68 15.66 -25.25
C8 NAG C . -6.03 15.03 -25.10
N2 NAG C . -4.21 16.28 -24.17
O3 NAG C . -4.04 18.98 -24.82
O4 NAG C . -1.52 19.87 -25.98
O5 NAG C . -0.55 16.89 -24.09
O6 NAG C . 0.61 19.51 -23.31
O7 NAG C . -4.05 15.59 -26.30
C1 NAG C . -1.96 21.16 -25.52
C2 NAG C . -1.24 22.21 -26.37
C3 NAG C . -1.68 23.60 -25.95
C4 NAG C . -3.20 23.72 -25.99
C5 NAG C . -3.85 22.60 -25.19
C6 NAG C . -5.35 22.58 -25.29
C7 NAG C . 0.96 21.63 -27.28
C8 NAG C . 2.43 21.54 -26.99
N2 NAG C . 0.20 22.06 -26.27
O3 NAG C . -1.07 24.55 -26.81
O4 NAG C . -3.60 24.96 -25.44
O5 NAG C . -3.37 21.32 -25.65
O6 NAG C . -5.81 21.72 -26.33
O7 NAG C . 0.48 21.32 -28.36
C1 BMA C . -3.83 25.92 -26.49
C2 BMA C . -4.95 26.85 -25.98
C3 BMA C . -5.12 28.01 -26.94
C4 BMA C . -3.77 28.72 -27.14
C5 BMA C . -2.77 27.72 -27.74
C6 BMA C . -1.39 28.32 -27.98
O2 BMA C . -4.58 27.40 -24.74
O3 BMA C . -6.12 28.92 -26.49
O4 BMA C . -3.91 29.84 -27.99
O5 BMA C . -2.63 26.63 -26.81
O6 BMA C . -0.82 27.71 -29.13
C1 NAG D . -9.00 22.82 -18.14
C2 NAG D . -9.02 22.99 -19.67
C3 NAG D . -10.11 23.96 -20.08
C4 NAG D . -11.45 23.53 -19.50
C5 NAG D . -11.35 23.28 -18.00
C6 NAG D . -12.59 22.67 -17.41
C7 NAG D . -6.90 22.59 -20.84
C8 NAG D . -5.60 23.18 -21.30
N2 NAG D . -7.72 23.41 -20.18
O3 NAG D . -10.18 24.01 -21.50
O4 NAG D . -12.44 24.54 -19.74
O5 NAG D . -10.27 22.37 -17.71
O6 NAG D . -12.52 22.59 -15.99
O7 NAG D . -7.21 21.42 -21.07
C1 NAG D . -13.46 24.16 -20.70
C2 NAG D . -14.77 24.93 -20.41
C3 NAG D . -15.83 24.64 -21.49
C4 NAG D . -15.28 24.74 -22.90
C5 NAG D . -13.96 23.97 -23.02
C6 NAG D . -13.30 24.13 -24.37
C7 NAG D . -15.04 25.32 -17.99
C8 NAG D . -15.67 24.83 -16.73
N2 NAG D . -15.29 24.60 -19.09
O3 NAG D . -16.90 25.56 -21.31
O4 NAG D . -16.17 24.12 -23.82
O5 NAG D . -13.03 24.44 -22.03
O6 NAG D . -13.76 23.14 -25.27
O7 NAG D . -14.32 26.32 -18.02
C1 BMA D . -17.25 24.94 -24.33
C2 BMA D . -17.46 24.56 -25.82
C3 BMA D . -18.77 25.16 -26.36
C4 BMA D . -19.93 24.80 -25.43
C5 BMA D . -19.64 25.36 -24.04
C6 BMA D . -20.73 25.11 -23.03
O2 BMA D . -17.61 23.15 -25.95
O3 BMA D . -19.05 24.75 -27.70
O4 BMA D . -21.15 25.33 -25.92
O5 BMA D . -18.43 24.74 -23.55
O6 BMA D . -20.33 25.73 -21.81
C1 MAN D . -21.42 25.68 -20.87
C2 MAN D . -21.02 26.60 -19.66
C3 MAN D . -19.94 25.93 -18.81
C4 MAN D . -20.35 24.50 -18.44
C5 MAN D . -20.62 23.70 -19.72
C6 MAN D . -21.07 22.28 -19.45
O2 MAN D . -22.14 26.80 -18.78
O3 MAN D . -19.65 26.70 -17.65
O4 MAN D . -19.33 23.87 -17.68
O5 MAN D . -21.68 24.35 -20.47
O6 MAN D . -22.13 22.38 -18.52
C1 MAN D . -22.54 21.07 -18.07
C2 MAN D . -23.83 21.29 -17.23
C3 MAN D . -23.48 22.05 -15.96
C4 MAN D . -22.35 21.34 -15.18
C5 MAN D . -21.12 21.15 -16.10
C6 MAN D . -20.01 20.34 -15.45
O2 MAN D . -24.39 20.05 -16.79
O3 MAN D . -24.61 22.25 -15.12
O4 MAN D . -21.98 22.12 -14.04
O5 MAN D . -21.52 20.45 -17.32
O6 MAN D . -18.78 20.70 -16.06
C1 GOL E . 7.11 -8.31 10.51
O1 GOL E . 6.64 -9.27 11.47
C2 GOL E . 6.28 -8.55 9.18
O2 GOL E . 4.92 -8.65 9.41
C3 GOL E . 6.56 -7.33 8.25
O3 GOL E . 5.36 -7.03 7.64
C1 GOL F . 21.90 6.67 -5.69
O1 GOL F . 22.28 8.03 -5.72
C2 GOL F . 22.96 5.83 -6.47
O2 GOL F . 24.23 5.91 -5.87
C3 GOL F . 22.35 4.37 -6.48
O3 GOL F . 23.17 3.54 -7.27
C1 GOL G . -14.59 9.40 0.89
O1 GOL G . -13.65 10.35 1.22
C2 GOL G . -15.36 9.90 -0.34
O2 GOL G . -16.48 9.11 -0.62
C3 GOL G . -14.33 9.83 -1.47
O3 GOL G . -13.83 8.52 -1.48
#